data_9ATX
#
_entry.id   9ATX
#
_cell.length_a   46.546
_cell.length_b   63.520
_cell.length_c   119.426
_cell.angle_alpha   90.00
_cell.angle_beta   90.00
_cell.angle_gamma   90.00
#
_symmetry.space_group_name_H-M   'P 21 21 21'
#
loop_
_entity.id
_entity.type
_entity.pdbx_description
1 polymer 'Capsule synthesis positive regulator AcpB'
2 water water
#
_entity_poly.entity_id   1
_entity_poly.type   'polypeptide(L)'
_entity_poly.pdbx_seq_one_letter_code
;SNAMEKDIKRQIQILEIITSEEKWFTTIEISKILRCCNKTIMKDISFIKDFLPEDWHIKIKKGKGVRIYLPYNKHRNEIT
FLLFRESLTFRILQHLFERETKTIATLAERLYIQVPSILPALKRVENYLKKFGLKLRKKPLRLEGDEVRIMIMYLDLYLK
SYNDTEWPFEKLKKEVIFQYLGTLEESLGISLHVVSKRHLSFFIAILLKRKQQGYKVQLNRKFLYFNTETPDYVKIGRIF
EKLEREFGVSLTVQDKILLTISIKSSKYVYKDINK
;
_entity_poly.pdbx_strand_id   A
#
# COMPACT_ATOMS: atom_id res chain seq x y z
N ALA A 3 -15.54 14.08 -2.22
CA ALA A 3 -14.26 13.70 -1.58
C ALA A 3 -14.12 12.17 -1.41
N MET A 4 -15.22 11.43 -1.54
CA MET A 4 -15.31 10.09 -0.98
C MET A 4 -14.63 9.05 -1.86
N GLU A 5 -14.20 9.41 -3.07
CA GLU A 5 -13.40 8.53 -3.92
C GLU A 5 -11.97 8.45 -3.42
N LYS A 6 -11.55 9.40 -2.57
CA LYS A 6 -10.22 9.38 -1.97
C LYS A 6 -10.24 8.45 -0.76
N ASP A 7 -9.47 7.35 -0.85
CA ASP A 7 -9.46 6.33 0.19
C ASP A 7 -9.24 6.97 1.57
N ILE A 8 -8.16 7.75 1.70
CA ILE A 8 -7.78 8.27 3.00
C ILE A 8 -8.88 9.18 3.55
N LYS A 9 -9.58 9.91 2.67
CA LYS A 9 -10.63 10.80 3.14
C LYS A 9 -11.84 10.01 3.59
N ARG A 10 -12.20 8.97 2.84
CA ARG A 10 -13.35 8.14 3.17
C ARG A 10 -13.08 7.37 4.47
N GLN A 11 -11.84 6.89 4.63
CA GLN A 11 -11.49 6.16 5.85
C GLN A 11 -11.71 7.09 7.06
N ILE A 12 -11.31 8.37 6.93
CA ILE A 12 -11.34 9.28 8.06
C ILE A 12 -12.78 9.68 8.38
N GLN A 13 -13.60 9.83 7.35
CA GLN A 13 -15.02 10.15 7.57
C GLN A 13 -15.74 9.02 8.28
N ILE A 14 -15.45 7.76 7.88
CA ILE A 14 -16.03 6.60 8.57
C ILE A 14 -15.64 6.59 10.04
N LEU A 15 -14.36 6.84 10.31
CA LEU A 15 -13.88 6.89 11.69
C LEU A 15 -14.61 7.98 12.44
N GLU A 16 -14.76 9.18 11.81
CA GLU A 16 -15.44 10.29 12.47
C GLU A 16 -16.88 9.92 12.80
N ILE A 17 -17.52 9.18 11.88
CA ILE A 17 -18.89 8.75 12.14
C ILE A 17 -18.92 7.79 13.33
N ILE A 18 -18.12 6.71 13.33
CA ILE A 18 -18.34 5.68 14.35
C ILE A 18 -17.80 6.13 15.71
N THR A 19 -16.89 7.14 15.73
CA THR A 19 -16.48 7.72 17.01
C THR A 19 -17.47 8.76 17.51
N SER A 20 -18.51 9.14 16.77
CA SER A 20 -19.34 10.27 17.19
C SER A 20 -20.23 9.93 18.38
N GLU A 21 -20.52 8.63 18.56
CA GLU A 21 -21.38 8.15 19.62
C GLU A 21 -20.93 6.76 20.03
N GLU A 22 -21.13 6.42 21.31
CA GLU A 22 -20.83 5.10 21.84
C GLU A 22 -21.99 4.17 21.56
N LYS A 23 -22.04 3.61 20.35
CA LYS A 23 -23.12 2.71 19.98
C LYS A 23 -22.75 1.99 18.72
N TRP A 24 -23.58 1.02 18.36
CA TRP A 24 -23.38 0.30 17.11
C TRP A 24 -23.87 1.15 15.95
N PHE A 25 -23.16 1.02 14.83
CA PHE A 25 -23.53 1.65 13.58
C PHE A 25 -23.65 0.61 12.49
N THR A 26 -24.78 0.64 11.78
CA THR A 26 -24.98 -0.26 10.65
C THR A 26 -24.35 0.36 9.42
N THR A 27 -24.04 -0.47 8.43
CA THR A 27 -23.51 0.03 7.18
C THR A 27 -24.53 0.94 6.51
N ILE A 28 -25.82 0.63 6.68
CA ILE A 28 -26.89 1.44 6.09
C ILE A 28 -26.76 2.85 6.68
N GLU A 29 -26.64 2.86 8.00
CA GLU A 29 -26.54 4.12 8.72
C GLU A 29 -25.32 4.89 8.22
N ILE A 30 -24.21 4.18 8.01
CA ILE A 30 -23.01 4.85 7.59
C ILE A 30 -23.19 5.31 6.14
N SER A 31 -23.77 4.44 5.31
CA SER A 31 -23.95 4.74 3.89
C SER A 31 -24.78 6.00 3.70
N LYS A 32 -25.77 6.16 4.59
CA LYS A 32 -26.67 7.28 4.53
C LYS A 32 -25.88 8.57 4.68
N ILE A 33 -24.95 8.60 5.64
CA ILE A 33 -24.17 9.80 5.90
C ILE A 33 -23.14 10.02 4.80
N LEU A 34 -22.45 8.98 4.36
CA LEU A 34 -21.51 9.12 3.27
C LEU A 34 -22.23 9.52 1.99
N ARG A 35 -23.51 9.11 1.88
CA ARG A 35 -24.29 9.24 0.67
C ARG A 35 -23.60 8.55 -0.49
N CYS A 36 -22.76 7.54 -0.22
CA CYS A 36 -22.17 6.72 -1.25
C CYS A 36 -21.57 5.46 -0.64
N CYS A 37 -20.96 4.62 -1.50
CA CYS A 37 -19.88 3.74 -1.11
C CYS A 37 -20.35 2.62 -0.17
N ASN A 38 -21.61 2.25 -0.27
CA ASN A 38 -22.19 1.21 0.57
C ASN A 38 -21.41 -0.09 0.47
N LYS A 39 -20.94 -0.39 -0.72
CA LYS A 39 -20.32 -1.66 -1.01
C LYS A 39 -18.89 -1.73 -0.46
N THR A 40 -18.28 -0.62 -0.02
CA THR A 40 -16.89 -0.63 0.37
C THR A 40 -16.70 -0.38 1.87
N ILE A 41 -17.77 -0.07 2.60
CA ILE A 41 -17.66 0.33 3.99
C ILE A 41 -16.95 -0.75 4.82
N MET A 42 -17.32 -2.03 4.63
CA MET A 42 -16.76 -3.10 5.45
C MET A 42 -15.31 -3.33 5.09
N LYS A 43 -14.97 -3.14 3.82
CA LYS A 43 -13.59 -3.21 3.40
C LYS A 43 -12.78 -2.10 4.05
N ASP A 44 -13.27 -0.87 4.01
CA ASP A 44 -12.63 0.24 4.67
C ASP A 44 -12.45 -0.01 6.16
N ILE A 45 -13.48 -0.58 6.79
CA ILE A 45 -13.45 -0.86 8.22
C ILE A 45 -12.32 -1.85 8.48
N SER A 46 -12.18 -2.87 7.63
CA SER A 46 -11.17 -3.87 7.90
C SER A 46 -9.77 -3.29 7.66
N PHE A 47 -9.59 -2.33 6.76
CA PHE A 47 -8.31 -1.63 6.68
C PHE A 47 -8.09 -0.84 7.99
N ILE A 48 -9.05 0.01 8.34
CA ILE A 48 -8.89 0.98 9.41
C ILE A 48 -8.53 0.30 10.72
N LYS A 49 -9.19 -0.83 11.02
CA LYS A 49 -9.08 -1.47 12.32
C LYS A 49 -7.63 -1.87 12.62
N ASP A 50 -6.82 -2.07 11.58
CA ASP A 50 -5.44 -2.49 11.78
C ASP A 50 -4.48 -1.32 12.04
N PHE A 51 -4.95 -0.09 11.75
CA PHE A 51 -4.11 1.08 11.71
C PHE A 51 -4.56 2.11 12.74
N LEU A 52 -5.20 1.64 13.80
CA LEU A 52 -5.73 2.47 14.87
C LEU A 52 -4.65 2.74 15.89
N PRO A 53 -4.82 3.79 16.74
CA PRO A 53 -4.05 3.85 17.99
C PRO A 53 -4.22 2.57 18.80
N GLU A 54 -3.29 2.40 19.73
CA GLU A 54 -3.12 1.16 20.45
C GLU A 54 -4.39 0.76 21.22
N ASP A 55 -5.07 1.75 21.80
CA ASP A 55 -6.12 1.41 22.75
C ASP A 55 -7.49 1.74 22.13
N TRP A 56 -7.53 1.86 20.80
CA TRP A 56 -8.81 1.98 20.10
C TRP A 56 -9.11 0.63 19.51
N HIS A 57 -10.36 0.14 19.65
CA HIS A 57 -10.75 -1.17 19.17
C HIS A 57 -12.07 -1.09 18.41
N ILE A 58 -12.07 -1.56 17.16
CA ILE A 58 -13.31 -1.69 16.39
C ILE A 58 -13.80 -3.14 16.51
N LYS A 59 -15.10 -3.28 16.76
CA LYS A 59 -15.78 -4.55 16.81
C LYS A 59 -16.83 -4.64 15.71
N ILE A 60 -16.86 -5.79 15.05
CA ILE A 60 -17.83 -6.09 14.00
C ILE A 60 -18.73 -7.20 14.50
N LYS A 61 -20.06 -7.02 14.41
CA LYS A 61 -21.00 -7.98 14.97
C LYS A 61 -22.21 -8.12 14.04
N LYS A 62 -22.42 -9.34 13.53
CA LYS A 62 -23.55 -9.68 12.67
C LYS A 62 -24.87 -9.24 13.32
N GLY A 63 -25.70 -8.59 12.53
CA GLY A 63 -26.99 -8.07 12.99
C GLY A 63 -26.86 -6.88 13.94
N LYS A 64 -25.64 -6.35 14.18
CA LYS A 64 -25.46 -5.13 14.96
C LYS A 64 -24.73 -4.07 14.13
N GLY A 65 -23.64 -4.44 13.46
CA GLY A 65 -22.89 -3.56 12.58
C GLY A 65 -21.45 -3.41 13.08
N VAL A 66 -21.02 -2.16 13.30
CA VAL A 66 -19.70 -1.87 13.78
C VAL A 66 -19.78 -0.92 14.97
N ARG A 67 -18.78 -1.04 15.85
CA ARG A 67 -18.66 -0.17 17.00
C ARG A 67 -17.19 0.01 17.36
N ILE A 68 -16.84 1.23 17.80
CA ILE A 68 -15.47 1.50 18.18
C ILE A 68 -15.47 1.84 19.66
N TYR A 69 -14.50 1.25 20.39
CA TYR A 69 -14.33 1.49 21.82
C TYR A 69 -13.06 2.29 22.05
N LEU A 70 -13.21 3.47 22.66
CA LEU A 70 -12.09 4.38 22.93
C LEU A 70 -11.77 4.37 24.42
N PRO A 71 -10.54 4.72 24.83
CA PRO A 71 -10.13 4.67 26.24
C PRO A 71 -10.86 5.56 27.26
N LYS A 74 -8.89 8.69 28.71
CA LYS A 74 -7.73 9.42 28.14
C LYS A 74 -8.18 10.67 27.38
N HIS A 75 -7.20 11.55 27.11
CA HIS A 75 -7.43 12.74 26.31
C HIS A 75 -7.51 12.34 24.83
N ARG A 76 -8.57 12.79 24.16
CA ARG A 76 -8.82 12.38 22.80
C ARG A 76 -8.21 13.43 21.88
N ASN A 77 -7.25 12.96 21.07
CA ASN A 77 -6.60 13.79 20.06
C ASN A 77 -7.43 13.84 18.79
N GLU A 78 -7.30 14.97 18.08
CA GLU A 78 -7.94 15.19 16.80
C GLU A 78 -7.58 14.04 15.85
N ILE A 79 -8.60 13.44 15.23
CA ILE A 79 -8.53 12.44 14.18
C ILE A 79 -8.12 13.16 12.92
N THR A 80 -6.99 12.78 12.28
CA THR A 80 -6.52 13.37 11.02
C THR A 80 -6.03 12.26 10.09
N PHE A 81 -5.80 12.64 8.84
CA PHE A 81 -5.23 11.76 7.85
C PHE A 81 -3.88 11.17 8.31
N LEU A 82 -3.19 11.76 9.30
CA LEU A 82 -1.88 11.29 9.76
C LEU A 82 -1.98 10.00 10.57
N LEU A 83 -3.18 9.64 11.01
CA LEU A 83 -3.40 8.52 11.91
CA LEU A 83 -3.40 8.52 11.91
C LEU A 83 -2.80 7.22 11.35
N PHE A 84 -2.92 7.00 10.03
CA PHE A 84 -2.52 5.74 9.43
C PHE A 84 -1.00 5.59 9.50
N ARG A 85 -0.27 6.63 9.09
CA ARG A 85 1.18 6.55 9.03
C ARG A 85 1.76 6.65 10.44
N GLU A 86 0.97 7.09 11.41
CA GLU A 86 1.44 7.16 12.79
C GLU A 86 1.18 5.87 13.57
N SER A 87 0.31 4.99 13.06
CA SER A 87 0.04 3.73 13.74
C SER A 87 1.31 2.87 13.90
N LEU A 88 1.29 2.01 14.92
CA LEU A 88 2.36 1.05 15.11
C LEU A 88 2.44 0.11 13.93
N THR A 89 1.29 -0.14 13.29
CA THR A 89 1.20 -1.11 12.22
C THR A 89 1.99 -0.62 11.02
N PHE A 90 1.72 0.63 10.65
CA PHE A 90 2.46 1.22 9.56
C PHE A 90 3.96 1.26 9.88
N ARG A 91 4.32 1.69 11.08
CA ARG A 91 5.71 2.03 11.33
C ARG A 91 6.52 0.73 11.34
N ILE A 92 5.92 -0.32 11.91
CA ILE A 92 6.51 -1.64 11.83
C ILE A 92 6.66 -2.10 10.39
N LEU A 93 5.63 -1.94 9.55
CA LEU A 93 5.75 -2.43 8.19
C LEU A 93 6.84 -1.67 7.43
N GLN A 94 7.05 -0.41 7.78
CA GLN A 94 8.14 0.33 7.16
C GLN A 94 9.52 -0.27 7.51
N HIS A 95 9.75 -0.62 8.77
CA HIS A 95 10.95 -1.36 9.15
C HIS A 95 11.08 -2.71 8.45
N LEU A 96 9.99 -3.42 8.26
CA LEU A 96 10.11 -4.71 7.60
C LEU A 96 10.40 -4.56 6.11
N PHE A 97 10.45 -3.30 5.63
CA PHE A 97 10.60 -3.11 4.20
C PHE A 97 11.99 -3.58 3.79
N GLU A 98 12.95 -3.42 4.71
CA GLU A 98 14.35 -3.59 4.37
C GLU A 98 14.84 -4.96 4.85
N ARG A 99 15.90 -5.45 4.17
CA ARG A 99 16.41 -6.80 4.36
C ARG A 99 16.97 -7.00 5.76
N GLU A 100 17.66 -6.00 6.30
CA GLU A 100 18.29 -6.11 7.61
C GLU A 100 17.21 -6.39 8.65
N THR A 101 17.30 -7.55 9.30
CA THR A 101 16.30 -7.95 10.28
C THR A 101 16.70 -7.42 11.65
N LYS A 102 15.69 -7.28 12.51
CA LYS A 102 15.90 -6.96 13.90
C LYS A 102 15.25 -8.05 14.76
N THR A 103 15.64 -8.09 16.02
CA THR A 103 14.79 -8.71 17.01
C THR A 103 13.64 -7.76 17.33
N ILE A 104 12.63 -8.34 17.96
CA ILE A 104 11.52 -7.58 18.51
C ILE A 104 12.03 -6.51 19.46
N ALA A 105 13.00 -6.86 20.31
CA ALA A 105 13.54 -5.94 21.29
C ALA A 105 14.20 -4.75 20.56
N THR A 106 14.95 -5.03 19.49
CA THR A 106 15.56 -3.94 18.74
C THR A 106 14.45 -3.08 18.14
N LEU A 107 13.49 -3.74 17.52
CA LEU A 107 12.43 -3.02 16.83
C LEU A 107 11.72 -2.10 17.83
N ALA A 108 11.35 -2.64 18.99
CA ALA A 108 10.72 -1.86 20.04
C ALA A 108 11.53 -0.60 20.35
N GLU A 109 12.83 -0.78 20.57
CA GLU A 109 13.70 0.34 20.92
C GLU A 109 13.72 1.35 19.77
N ARG A 110 13.88 0.91 18.53
CA ARG A 110 13.89 1.86 17.43
C ARG A 110 12.57 2.61 17.27
N LEU A 111 11.44 2.06 17.75
CA LEU A 111 10.14 2.70 17.63
C LEU A 111 9.86 3.54 18.86
N TYR A 112 10.75 3.46 19.87
CA TYR A 112 10.57 4.13 21.14
C TYR A 112 9.27 3.65 21.78
N ILE A 113 9.18 2.35 22.03
CA ILE A 113 8.05 1.80 22.77
C ILE A 113 8.53 0.63 23.61
N GLN A 114 7.78 0.31 24.65
CA GLN A 114 8.04 -0.87 25.46
C GLN A 114 7.67 -2.15 24.69
N VAL A 115 8.39 -3.24 24.97
CA VAL A 115 8.15 -4.53 24.34
C VAL A 115 6.71 -5.00 24.55
N PRO A 116 6.12 -4.93 25.76
CA PRO A 116 4.71 -5.30 25.94
C PRO A 116 3.75 -4.70 24.94
N SER A 117 4.04 -3.46 24.56
CA SER A 117 3.20 -2.69 23.66
C SER A 117 3.37 -3.15 22.20
N ILE A 118 4.49 -3.75 21.86
CA ILE A 118 4.68 -4.19 20.48
C ILE A 118 3.96 -5.52 20.21
N LEU A 119 3.66 -6.33 21.24
CA LEU A 119 3.08 -7.64 20.95
C LEU A 119 1.69 -7.51 20.33
N PRO A 120 0.76 -6.69 20.85
CA PRO A 120 -0.51 -6.47 20.16
C PRO A 120 -0.36 -5.90 18.75
N ALA A 121 0.64 -5.04 18.56
CA ALA A 121 0.84 -4.38 17.27
C ALA A 121 1.26 -5.41 16.22
N LEU A 122 2.04 -6.41 16.63
CA LEU A 122 2.48 -7.44 15.71
C LEU A 122 1.30 -8.25 15.23
N LYS A 123 0.33 -8.49 16.12
CA LYS A 123 -0.86 -9.23 15.75
C LYS A 123 -1.69 -8.43 14.75
N ARG A 124 -1.72 -7.08 14.88
CA ARG A 124 -2.39 -6.27 13.85
C ARG A 124 -1.64 -6.33 12.51
N VAL A 125 -0.31 -6.29 12.55
CA VAL A 125 0.49 -6.47 11.34
C VAL A 125 0.16 -7.80 10.65
N GLU A 126 0.16 -8.89 11.41
CA GLU A 126 -0.11 -10.22 10.85
C GLU A 126 -1.49 -10.24 10.17
N ASN A 127 -2.46 -9.62 10.83
CA ASN A 127 -3.81 -9.57 10.30
C ASN A 127 -3.85 -8.84 8.95
N TYR A 128 -3.12 -7.73 8.83
CA TYR A 128 -3.15 -7.02 7.56
C TYR A 128 -2.45 -7.84 6.48
N LEU A 129 -1.30 -8.40 6.82
CA LEU A 129 -0.51 -9.22 5.89
C LEU A 129 -1.35 -10.38 5.35
N LYS A 130 -2.18 -10.95 6.22
CA LYS A 130 -2.97 -12.13 5.87
C LYS A 130 -3.79 -11.88 4.60
N LYS A 131 -4.25 -10.65 4.41
CA LYS A 131 -5.12 -10.35 3.28
C LYS A 131 -4.37 -10.43 1.96
N PHE A 132 -3.03 -10.35 1.98
CA PHE A 132 -2.26 -10.40 0.76
C PHE A 132 -1.58 -11.77 0.59
N GLY A 133 -2.01 -12.76 1.39
CA GLY A 133 -1.36 -14.07 1.46
C GLY A 133 0.09 -13.97 1.92
N LEU A 134 0.36 -13.11 2.91
CA LEU A 134 1.70 -12.89 3.41
C LEU A 134 1.73 -13.29 4.86
N LYS A 135 2.93 -13.50 5.39
CA LYS A 135 3.08 -13.91 6.78
C LYS A 135 4.28 -13.19 7.39
N LEU A 136 4.30 -13.19 8.71
CA LEU A 136 5.40 -12.65 9.48
C LEU A 136 6.06 -13.74 10.30
N ARG A 137 7.36 -13.97 10.09
CA ARG A 137 8.15 -14.80 10.99
C ARG A 137 8.95 -13.92 11.95
N LYS A 138 9.29 -14.48 13.11
CA LYS A 138 9.76 -13.66 14.23
C LYS A 138 11.23 -13.87 14.58
N LYS A 139 11.82 -15.03 14.29
CA LYS A 139 13.20 -15.28 14.67
C LYS A 139 14.08 -15.41 13.42
N PRO A 140 14.65 -14.30 12.90
CA PRO A 140 14.22 -12.95 13.30
C PRO A 140 12.91 -12.53 12.62
N LEU A 141 12.51 -11.28 12.87
CA LEU A 141 11.35 -10.67 12.24
C LEU A 141 11.56 -10.48 10.76
N ARG A 142 10.64 -11.04 9.95
CA ARG A 142 10.79 -10.87 8.51
C ARG A 142 9.45 -11.10 7.83
N LEU A 143 9.22 -10.33 6.76
CA LEU A 143 8.14 -10.54 5.83
CA LEU A 143 8.14 -10.54 5.83
C LEU A 143 8.42 -11.81 5.05
N GLU A 144 7.40 -12.67 4.90
CA GLU A 144 7.53 -13.89 4.12
C GLU A 144 6.38 -13.99 3.13
N GLY A 145 6.75 -14.25 1.86
CA GLY A 145 5.78 -14.51 0.82
C GLY A 145 6.34 -14.17 -0.56
N ASP A 146 5.52 -14.38 -1.59
CA ASP A 146 5.86 -14.03 -2.96
C ASP A 146 6.17 -12.53 -3.04
N GLU A 147 7.25 -12.20 -3.76
CA GLU A 147 7.77 -10.85 -3.86
C GLU A 147 6.71 -9.93 -4.45
N VAL A 148 5.95 -10.44 -5.42
CA VAL A 148 4.99 -9.59 -6.11
C VAL A 148 3.84 -9.22 -5.16
N ARG A 149 3.47 -10.18 -4.29
CA ARG A 149 2.44 -9.96 -3.29
C ARG A 149 2.94 -8.95 -2.25
N ILE A 150 4.21 -9.05 -1.84
CA ILE A 150 4.80 -8.05 -0.96
C ILE A 150 4.67 -6.66 -1.57
N MET A 151 4.88 -6.51 -2.89
CA MET A 151 4.85 -5.21 -3.51
C MET A 151 3.41 -4.68 -3.52
N ILE A 152 2.47 -5.56 -3.79
CA ILE A 152 1.07 -5.22 -3.82
C ILE A 152 0.62 -4.76 -2.43
N MET A 153 1.06 -5.45 -1.37
CA MET A 153 0.75 -5.05 -0.01
C MET A 153 1.30 -3.64 0.26
N TYR A 154 2.56 -3.35 -0.13
CA TYR A 154 3.12 -2.04 0.13
C TYR A 154 2.45 -0.95 -0.71
N LEU A 155 2.06 -1.29 -1.94
CA LEU A 155 1.28 -0.38 -2.77
C LEU A 155 -0.02 0.01 -2.04
N ASP A 156 -0.76 -0.99 -1.60
CA ASP A 156 -1.99 -0.75 -0.86
C ASP A 156 -1.75 0.13 0.37
N LEU A 157 -0.68 -0.14 1.10
CA LEU A 157 -0.38 0.54 2.35
C LEU A 157 -0.06 2.00 2.10
N TYR A 158 0.75 2.28 1.08
CA TYR A 158 1.13 3.65 0.78
C TYR A 158 -0.05 4.39 0.16
N LEU A 159 -0.82 3.77 -0.74
CA LEU A 159 -1.92 4.50 -1.37
C LEU A 159 -2.95 4.93 -0.34
N LYS A 160 -3.21 4.11 0.67
CA LYS A 160 -4.29 4.35 1.62
C LYS A 160 -3.86 5.19 2.80
N SER A 161 -2.54 5.29 3.04
CA SER A 161 -2.01 6.03 4.16
C SER A 161 -1.59 7.44 3.78
N TYR A 162 -1.54 7.78 2.49
CA TYR A 162 -1.15 9.12 2.02
C TYR A 162 -2.24 9.78 1.18
N ASN A 163 -2.30 11.11 1.25
CA ASN A 163 -3.11 11.92 0.35
C ASN A 163 -2.57 11.77 -1.05
N ASP A 164 -3.45 11.95 -2.03
CA ASP A 164 -3.09 11.66 -3.41
C ASP A 164 -2.13 12.74 -3.92
N THR A 165 -1.88 13.78 -3.12
CA THR A 165 -0.91 14.79 -3.47
C THR A 165 0.45 14.50 -2.84
N GLU A 166 0.57 13.53 -1.93
CA GLU A 166 1.81 13.37 -1.18
C GLU A 166 2.73 12.36 -1.89
N TRP A 167 4.04 12.51 -1.62
CA TRP A 167 5.05 11.63 -2.16
C TRP A 167 5.84 11.06 -1.00
N PRO A 168 5.58 9.81 -0.59
CA PRO A 168 6.20 9.32 0.61
C PRO A 168 7.60 8.73 0.46
N PHE A 169 8.14 8.65 -0.75
CA PHE A 169 9.38 7.93 -0.92
C PHE A 169 10.56 8.88 -0.71
N GLU A 170 11.56 8.38 0.03
CA GLU A 170 12.79 9.09 0.29
C GLU A 170 13.80 8.74 -0.80
N LYS A 171 14.76 9.64 -1.04
CA LYS A 171 15.93 9.31 -1.82
C LYS A 171 15.48 8.94 -3.23
N LEU A 172 14.32 9.48 -3.62
CA LEU A 172 13.71 9.17 -4.91
C LEU A 172 12.86 10.37 -5.28
N LYS A 173 13.22 11.03 -6.37
CA LYS A 173 12.56 12.26 -6.74
C LYS A 173 11.30 11.92 -7.54
N LYS A 174 10.16 12.37 -7.02
CA LYS A 174 8.90 12.27 -7.73
C LYS A 174 9.01 12.74 -9.20
N GLU A 175 9.71 13.85 -9.46
CA GLU A 175 9.75 14.42 -10.80
C GLU A 175 10.45 13.45 -11.75
N VAL A 176 11.40 12.66 -11.24
CA VAL A 176 12.11 11.72 -12.06
C VAL A 176 11.14 10.62 -12.51
N ILE A 177 10.38 10.09 -11.55
CA ILE A 177 9.51 8.97 -11.82
C ILE A 177 8.42 9.43 -12.80
N PHE A 178 7.89 10.62 -12.55
CA PHE A 178 6.88 11.18 -13.42
C PHE A 178 7.44 11.43 -14.80
N GLN A 179 8.75 11.70 -14.93
CA GLN A 179 9.36 11.86 -16.24
C GLN A 179 9.33 10.54 -16.99
N TYR A 180 9.60 9.43 -16.30
CA TYR A 180 9.56 8.14 -16.95
C TYR A 180 8.17 7.91 -17.50
N LEU A 181 7.16 8.20 -16.68
CA LEU A 181 5.76 8.00 -17.05
C LEU A 181 5.40 8.89 -18.24
N GLY A 182 5.93 10.13 -18.24
CA GLY A 182 5.71 11.03 -19.35
C GLY A 182 6.25 10.47 -20.66
N THR A 183 7.46 9.89 -20.59
CA THR A 183 8.12 9.27 -21.73
C THR A 183 7.31 8.07 -22.23
N LEU A 184 6.63 7.37 -21.31
CA LEU A 184 5.88 6.16 -21.65
C LEU A 184 4.59 6.53 -22.38
N GLU A 185 3.91 7.57 -21.88
CA GLU A 185 2.73 8.13 -22.55
C GLU A 185 3.08 8.61 -23.98
N GLU A 186 4.25 9.24 -24.15
CA GLU A 186 4.70 9.70 -25.46
C GLU A 186 5.00 8.52 -26.39
N SER A 187 5.81 7.58 -25.89
CA SER A 187 6.22 6.42 -26.65
C SER A 187 5.00 5.57 -27.09
N LEU A 188 3.97 5.43 -26.24
CA LEU A 188 2.86 4.54 -26.53
C LEU A 188 1.69 5.31 -27.15
N GLY A 189 1.72 6.64 -27.11
CA GLY A 189 0.59 7.47 -27.50
C GLY A 189 -0.64 7.23 -26.64
N ILE A 190 -0.48 7.35 -25.31
CA ILE A 190 -1.60 7.23 -24.39
C ILE A 190 -1.56 8.37 -23.37
N SER A 191 -2.71 8.62 -22.73
CA SER A 191 -2.80 9.52 -21.58
C SER A 191 -3.35 8.73 -20.39
N LEU A 192 -2.48 8.53 -19.39
CA LEU A 192 -2.83 7.83 -18.17
C LEU A 192 -3.76 8.71 -17.34
N HIS A 193 -4.83 8.10 -16.85
CA HIS A 193 -5.61 8.68 -15.77
C HIS A 193 -4.70 9.05 -14.58
N VAL A 194 -5.03 10.18 -13.93
CA VAL A 194 -4.23 10.71 -12.83
C VAL A 194 -4.10 9.67 -11.71
N VAL A 195 -5.17 8.91 -11.44
CA VAL A 195 -5.10 7.83 -10.46
C VAL A 195 -4.10 6.76 -10.91
N SER A 196 -4.10 6.41 -12.19
CA SER A 196 -3.23 5.34 -12.66
C SER A 196 -1.76 5.74 -12.56
N LYS A 197 -1.47 7.01 -12.80
CA LYS A 197 -0.14 7.53 -12.63
C LYS A 197 0.31 7.42 -11.19
N ARG A 198 -0.61 7.67 -10.25
CA ARG A 198 -0.26 7.58 -8.84
C ARG A 198 0.11 6.11 -8.55
N HIS A 199 -0.75 5.17 -8.95
CA HIS A 199 -0.48 3.77 -8.69
C HIS A 199 0.89 3.41 -9.27
N LEU A 200 1.09 3.76 -10.55
CA LEU A 200 2.29 3.34 -11.27
C LEU A 200 3.52 3.98 -10.65
N SER A 201 3.46 5.26 -10.28
CA SER A 201 4.63 5.92 -9.72
C SER A 201 4.99 5.24 -8.41
N PHE A 202 3.97 4.82 -7.64
CA PHE A 202 4.24 4.21 -6.33
C PHE A 202 4.84 2.84 -6.57
N PHE A 203 4.29 2.13 -7.55
CA PHE A 203 4.69 0.77 -7.80
C PHE A 203 6.14 0.71 -8.27
N ILE A 204 6.53 1.71 -9.07
CA ILE A 204 7.89 1.81 -9.59
C ILE A 204 8.84 2.15 -8.45
N ALA A 205 8.47 3.12 -7.63
CA ALA A 205 9.26 3.45 -6.46
C ALA A 205 9.49 2.20 -5.61
N ILE A 206 8.41 1.44 -5.39
CA ILE A 206 8.50 0.26 -4.54
C ILE A 206 9.43 -0.76 -5.20
N LEU A 207 9.25 -0.98 -6.50
CA LEU A 207 10.12 -1.95 -7.19
C LEU A 207 11.60 -1.55 -7.05
N LEU A 208 11.89 -0.28 -7.34
CA LEU A 208 13.24 0.26 -7.23
C LEU A 208 13.78 0.01 -5.83
N LYS A 209 12.98 0.28 -4.79
CA LYS A 209 13.46 0.15 -3.42
C LYS A 209 13.66 -1.32 -3.03
N ARG A 210 12.80 -2.23 -3.48
CA ARG A 210 13.02 -3.65 -3.19
C ARG A 210 14.24 -4.19 -3.95
N LYS A 211 14.42 -3.77 -5.22
CA LYS A 211 15.58 -4.21 -5.99
C LYS A 211 16.86 -3.73 -5.30
N GLN A 212 16.86 -2.49 -4.83
CA GLN A 212 18.01 -1.93 -4.10
C GLN A 212 18.27 -2.72 -2.80
N GLN A 213 17.26 -3.38 -2.25
CA GLN A 213 17.45 -4.19 -1.07
C GLN A 213 17.83 -5.62 -1.47
N GLY A 214 17.83 -5.91 -2.77
CA GLY A 214 18.23 -7.23 -3.26
C GLY A 214 17.08 -8.22 -3.60
N TYR A 215 15.80 -7.87 -3.40
CA TYR A 215 14.73 -8.84 -3.58
C TYR A 215 14.41 -9.05 -5.05
N LYS A 216 13.83 -10.22 -5.39
CA LYS A 216 13.67 -10.64 -6.77
C LYS A 216 12.24 -10.98 -7.15
N VAL A 217 11.74 -10.31 -8.19
CA VAL A 217 10.47 -10.64 -8.78
C VAL A 217 10.52 -11.99 -9.51
N GLN A 218 9.56 -12.85 -9.16
CA GLN A 218 9.40 -14.16 -9.78
C GLN A 218 7.93 -14.34 -10.18
N LEU A 219 7.68 -14.44 -11.50
CA LEU A 219 6.33 -14.52 -12.03
C LEU A 219 5.85 -15.97 -12.05
N ASN A 220 4.53 -16.16 -12.08
CA ASN A 220 3.90 -17.47 -12.05
C ASN A 220 4.22 -18.22 -13.33
N ARG A 221 3.86 -19.50 -13.35
CA ARG A 221 4.20 -20.37 -14.48
C ARG A 221 3.57 -19.81 -15.76
N LYS A 222 2.42 -19.13 -15.64
CA LYS A 222 1.69 -18.60 -16.78
C LYS A 222 2.60 -17.80 -17.71
N PHE A 223 3.17 -16.71 -17.19
CA PHE A 223 3.68 -15.62 -17.99
C PHE A 223 5.03 -15.96 -18.60
N LEU A 224 5.57 -17.15 -18.31
CA LEU A 224 6.86 -17.55 -18.87
C LEU A 224 6.67 -17.92 -20.36
N TYR A 225 5.43 -17.76 -20.87
CA TYR A 225 5.09 -17.82 -22.28
CA TYR A 225 5.25 -17.77 -22.33
C TYR A 225 4.58 -16.46 -22.76
N PHE A 226 4.87 -15.38 -22.03
CA PHE A 226 4.50 -14.03 -22.43
C PHE A 226 5.24 -13.70 -23.72
N ASN A 227 4.58 -12.97 -24.63
CA ASN A 227 5.19 -12.56 -25.89
C ASN A 227 6.04 -11.31 -25.67
N THR A 228 7.36 -11.51 -25.56
CA THR A 228 8.32 -10.43 -25.34
C THR A 228 8.67 -9.71 -26.65
N GLU A 229 7.91 -9.98 -27.72
CA GLU A 229 8.03 -9.24 -28.98
C GLU A 229 6.83 -8.31 -29.20
N THR A 230 5.76 -8.46 -28.41
CA THR A 230 4.61 -7.58 -28.52
C THR A 230 5.12 -6.12 -28.54
N PRO A 231 4.63 -5.27 -29.47
CA PRO A 231 5.25 -3.96 -29.74
C PRO A 231 5.35 -3.04 -28.52
N ASP A 232 4.33 -3.09 -27.67
CA ASP A 232 4.27 -2.20 -26.51
C ASP A 232 5.31 -2.63 -25.46
N TYR A 233 5.58 -3.94 -25.32
CA TYR A 233 6.63 -4.42 -24.43
C TYR A 233 8.01 -3.95 -24.92
N VAL A 234 8.17 -3.87 -26.24
CA VAL A 234 9.44 -3.50 -26.82
C VAL A 234 9.84 -2.08 -26.41
N LYS A 235 8.91 -1.12 -26.33
CA LYS A 235 9.27 0.26 -26.01
C LYS A 235 9.41 0.45 -24.50
N ILE A 236 8.46 -0.12 -23.74
CA ILE A 236 8.55 -0.17 -22.29
C ILE A 236 9.94 -0.65 -21.83
N GLY A 237 10.46 -1.73 -22.43
CA GLY A 237 11.77 -2.23 -22.07
C GLY A 237 12.87 -1.20 -22.31
N ARG A 238 12.73 -0.43 -23.40
CA ARG A 238 13.71 0.56 -23.81
C ARG A 238 13.73 1.77 -22.87
N ILE A 239 12.54 2.24 -22.47
CA ILE A 239 12.47 3.39 -21.57
C ILE A 239 13.09 3.02 -20.22
N PHE A 240 12.88 1.77 -19.80
CA PHE A 240 13.29 1.34 -18.47
C PHE A 240 14.79 1.06 -18.42
N GLU A 241 15.45 0.93 -19.57
CA GLU A 241 16.90 0.89 -19.58
C GLU A 241 17.48 2.15 -18.92
N LYS A 242 16.87 3.31 -19.23
CA LYS A 242 17.34 4.56 -18.67
C LYS A 242 17.29 4.49 -17.15
N LEU A 243 16.28 3.77 -16.63
CA LEU A 243 16.00 3.70 -15.21
C LEU A 243 17.06 2.84 -14.51
N GLU A 244 17.35 1.67 -15.09
CA GLU A 244 18.42 0.82 -14.58
C GLU A 244 19.65 1.67 -14.30
N ARG A 245 20.09 2.39 -15.34
CA ARG A 245 21.32 3.17 -15.28
C ARG A 245 21.21 4.19 -14.17
N GLU A 246 20.12 4.95 -14.20
CA GLU A 246 19.99 6.05 -13.29
C GLU A 246 19.86 5.59 -11.85
N PHE A 247 19.27 4.41 -11.60
CA PHE A 247 19.05 4.00 -10.22
C PHE A 247 19.97 2.85 -9.82
N GLY A 248 20.79 2.39 -10.76
CA GLY A 248 21.79 1.38 -10.44
C GLY A 248 21.17 0.03 -10.07
N VAL A 249 20.25 -0.46 -10.91
CA VAL A 249 19.66 -1.78 -10.77
C VAL A 249 19.59 -2.43 -12.14
N SER A 250 19.28 -3.75 -12.15
CA SER A 250 19.13 -4.48 -13.41
C SER A 250 17.72 -5.08 -13.51
N LEU A 251 16.94 -4.62 -14.49
CA LEU A 251 15.57 -5.09 -14.66
C LEU A 251 15.56 -6.39 -15.48
N THR A 252 15.10 -7.47 -14.85
CA THR A 252 14.93 -8.74 -15.53
C THR A 252 13.70 -8.67 -16.43
N VAL A 253 13.58 -9.70 -17.26
CA VAL A 253 12.40 -9.88 -18.10
C VAL A 253 11.17 -9.98 -17.17
N GLN A 254 11.32 -10.65 -16.02
CA GLN A 254 10.24 -10.73 -15.04
C GLN A 254 9.77 -9.30 -14.70
N ASP A 255 10.71 -8.40 -14.38
CA ASP A 255 10.40 -7.03 -14.01
C ASP A 255 9.66 -6.29 -15.12
N LYS A 256 10.10 -6.50 -16.37
CA LYS A 256 9.63 -5.72 -17.49
C LYS A 256 8.21 -6.17 -17.86
N ILE A 257 7.97 -7.46 -17.72
CA ILE A 257 6.63 -7.99 -17.96
C ILE A 257 5.67 -7.46 -16.90
N LEU A 258 6.12 -7.52 -15.64
CA LEU A 258 5.32 -7.01 -14.51
C LEU A 258 4.96 -5.57 -14.81
N LEU A 259 5.96 -4.75 -15.12
CA LEU A 259 5.71 -3.34 -15.37
C LEU A 259 4.76 -3.15 -16.57
N THR A 260 4.91 -4.02 -17.57
CA THR A 260 4.12 -3.92 -18.79
C THR A 260 2.67 -4.25 -18.47
N ILE A 261 2.47 -5.34 -17.74
CA ILE A 261 1.13 -5.73 -17.32
C ILE A 261 0.51 -4.64 -16.45
N SER A 262 1.34 -3.97 -15.62
CA SER A 262 0.83 -2.92 -14.75
C SER A 262 0.28 -1.79 -15.60
N ILE A 263 1.07 -1.41 -16.62
CA ILE A 263 0.68 -0.32 -17.51
C ILE A 263 -0.59 -0.69 -18.26
N LYS A 264 -0.61 -1.92 -18.81
CA LYS A 264 -1.74 -2.38 -19.59
C LYS A 264 -2.99 -2.50 -18.71
N SER A 265 -2.82 -2.71 -17.39
CA SER A 265 -3.95 -2.79 -16.48
C SER A 265 -4.48 -1.40 -16.13
N SER A 266 -3.80 -0.34 -16.54
CA SER A 266 -4.11 0.96 -16.01
C SER A 266 -5.28 1.55 -16.80
N LYS A 267 -5.79 2.67 -16.30
CA LYS A 267 -6.77 3.43 -17.03
C LYS A 267 -6.04 4.50 -17.83
N TYR A 268 -6.38 4.57 -19.12
CA TYR A 268 -5.78 5.52 -20.05
C TYR A 268 -6.69 5.59 -21.29
N VAL A 269 -6.52 6.67 -22.06
CA VAL A 269 -7.07 6.79 -23.40
C VAL A 269 -5.89 6.90 -24.37
N TYR A 270 -6.11 6.51 -25.63
CA TYR A 270 -5.18 6.77 -26.71
C TYR A 270 -5.24 8.26 -27.08
N LYS A 271 -4.07 8.88 -27.34
CA LYS A 271 -3.97 10.21 -27.95
C LYS A 271 -4.19 10.12 -29.46
N ASP A 272 -4.51 11.25 -30.12
CA ASP A 272 -4.55 11.24 -31.58
C ASP A 272 -3.23 11.79 -32.11
#